data_5TFP
#
_entry.id   5TFP
#
_cell.length_a   69.474
_cell.length_b   69.474
_cell.length_c   120.060
_cell.angle_alpha   90.000
_cell.angle_beta   90.000
_cell.angle_gamma   120.000
#
_symmetry.space_group_name_H-M   'P 61 2 2'
#
loop_
_entity.id
_entity.type
_entity.pdbx_description
1 polymer 'Histone-lysine N-methyltransferase SETDB2'
2 non-polymer GLYCEROL
3 non-polymer 'L(+)-TARTARIC ACID'
4 water water
#
_entity_poly.entity_id   1
_entity_poly.type   'polypeptide(L)'
_entity_poly.pdbx_seq_one_letter_code
;(MSE)GEKNGDAKTFW(MSE)ELEDDGKVDFIFEQVQNVLQSLKQKIKDGSATNKEYIQA(MSE)ILVNEATIINS
;
_entity_poly.pdbx_strand_id   A,B
#
loop_
_chem_comp.id
_chem_comp.type
_chem_comp.name
_chem_comp.formula
GOL non-polymer GLYCEROL 'C3 H8 O3'
TLA non-polymer 'L(+)-TARTARIC ACID' 'C4 H6 O6'
#
# COMPACT_ATOMS: atom_id res chain seq x y z
N GLY A 6 13.23 3.53 14.74
CA GLY A 6 13.07 3.50 13.29
C GLY A 6 13.56 2.18 12.69
N ASP A 7 14.09 1.30 13.54
CA ASP A 7 14.50 -0.02 13.09
C ASP A 7 13.28 -0.88 12.77
N ALA A 8 13.24 -1.40 11.55
CA ALA A 8 12.01 -1.94 11.02
C ALA A 8 11.78 -3.32 11.61
N LYS A 9 12.85 -4.08 11.84
CA LYS A 9 12.71 -5.38 12.50
C LYS A 9 12.10 -5.22 13.89
N THR A 10 12.60 -4.25 14.66
CA THR A 10 12.08 -4.01 16.01
C THR A 10 10.62 -3.59 15.94
N PHE A 11 10.31 -2.68 15.02
CA PHE A 11 8.95 -2.22 14.76
C PHE A 11 8.00 -3.42 14.62
N TRP A 12 8.33 -4.33 13.72
CA TRP A 12 7.44 -5.46 13.46
C TRP A 12 7.46 -6.52 14.57
N MSE A 13 8.60 -6.70 15.22
CA MSE A 13 8.69 -7.66 16.32
C MSE A 13 7.76 -7.25 17.45
O MSE A 13 7.05 -8.08 18.02
CB MSE A 13 10.14 -7.75 16.84
CG MSE A 13 11.05 -8.49 15.85
SE MSE A 13 12.92 -8.74 16.38
CE MSE A 13 12.63 -9.64 18.09
N GLU A 14 7.74 -5.95 17.75
CA GLU A 14 6.89 -5.43 18.80
C GLU A 14 5.42 -5.63 18.46
N LEU A 15 5.05 -5.28 17.23
CA LEU A 15 3.68 -5.45 16.76
C LEU A 15 3.28 -6.93 16.82
N GLU A 16 4.19 -7.79 16.34
CA GLU A 16 3.94 -9.23 16.31
C GLU A 16 3.78 -9.79 17.71
N ASP A 17 4.71 -9.45 18.60
N ASP A 17 4.71 -9.44 18.61
CA ASP A 17 4.63 -9.91 19.99
CA ASP A 17 4.64 -9.91 19.99
C ASP A 17 3.36 -9.41 20.67
C ASP A 17 3.36 -9.41 20.67
N ASP A 18 2.89 -8.23 20.25
CA ASP A 18 1.65 -7.65 20.80
C ASP A 18 0.39 -8.16 20.13
N GLY A 19 0.52 -8.99 19.10
CA GLY A 19 -0.64 -9.52 18.41
C GLY A 19 -1.39 -8.54 17.52
N LYS A 20 -0.68 -7.55 17.00
CA LYS A 20 -1.31 -6.45 16.25
C LYS A 20 -1.05 -6.46 14.75
N VAL A 21 -0.33 -7.47 14.25
CA VAL A 21 0.03 -7.45 12.84
C VAL A 21 -1.23 -7.47 11.94
N ASP A 22 -2.15 -8.40 12.20
CA ASP A 22 -3.39 -8.49 11.42
C ASP A 22 -4.16 -7.18 11.44
N PHE A 23 -4.27 -6.58 12.62
CA PHE A 23 -4.99 -5.31 12.80
C PHE A 23 -4.40 -4.18 11.93
N ILE A 24 -3.08 -4.04 11.97
CA ILE A 24 -2.40 -2.97 11.22
C ILE A 24 -2.62 -3.14 9.71
N PHE A 25 -2.48 -4.38 9.24
CA PHE A 25 -2.70 -4.66 7.82
C PHE A 25 -4.17 -4.46 7.41
N GLU A 26 -5.12 -4.75 8.30
N GLU A 26 -5.10 -4.75 8.33
CA GLU A 26 -6.55 -4.48 8.00
CA GLU A 26 -6.54 -4.54 8.14
C GLU A 26 -6.73 -2.98 7.82
C GLU A 26 -6.85 -3.04 7.98
N GLN A 27 -6.15 -2.21 8.73
CA GLN A 27 -6.27 -0.77 8.64
C GLN A 27 -5.70 -0.25 7.33
N VAL A 28 -4.54 -0.78 6.90
CA VAL A 28 -3.97 -0.39 5.61
C VAL A 28 -4.89 -0.77 4.43
N GLN A 29 -5.47 -1.96 4.52
CA GLN A 29 -6.38 -2.44 3.50
C GLN A 29 -7.64 -1.55 3.43
N ASN A 30 -8.14 -1.11 4.58
CA ASN A 30 -9.27 -0.19 4.58
C ASN A 30 -8.93 1.12 3.86
N VAL A 31 -7.75 1.65 4.16
CA VAL A 31 -7.31 2.89 3.50
C VAL A 31 -7.18 2.70 1.98
N LEU A 32 -6.55 1.60 1.56
CA LEU A 32 -6.46 1.29 0.14
C LEU A 32 -7.78 1.18 -0.59
N GLN A 33 -8.73 0.47 0.02
CA GLN A 33 -10.04 0.29 -0.61
C GLN A 33 -10.74 1.63 -0.73
N SER A 34 -10.58 2.48 0.28
N SER A 34 -10.59 2.49 0.29
CA SER A 34 -11.20 3.80 0.26
CA SER A 34 -11.21 3.80 0.26
C SER A 34 -10.61 4.67 -0.84
C SER A 34 -10.61 4.66 -0.85
N LEU A 35 -9.27 4.67 -0.95
CA LEU A 35 -8.59 5.45 -1.96
C LEU A 35 -8.99 4.98 -3.34
N LYS A 36 -9.02 3.66 -3.51
CA LYS A 36 -9.38 3.12 -4.80
C LYS A 36 -10.79 3.58 -5.22
N GLN A 37 -11.72 3.54 -4.28
CA GLN A 37 -13.07 3.91 -4.63
C GLN A 37 -13.18 5.42 -4.92
N LYS A 38 -12.44 6.25 -4.18
N LYS A 38 -12.44 6.23 -4.17
CA LYS A 38 -12.53 7.70 -4.43
CA LYS A 38 -12.45 7.68 -4.38
C LYS A 38 -11.88 8.07 -5.76
C LYS A 38 -11.90 8.04 -5.75
N ILE A 39 -10.84 7.34 -6.15
CA ILE A 39 -10.26 7.53 -7.47
C ILE A 39 -11.24 7.14 -8.56
N LYS A 40 -11.94 6.01 -8.40
CA LYS A 40 -12.89 5.62 -9.44
C LYS A 40 -14.12 6.51 -9.46
N ASP A 41 -14.54 7.01 -8.30
CA ASP A 41 -15.69 7.92 -8.23
C ASP A 41 -15.33 9.34 -8.70
N GLY A 42 -14.03 9.64 -8.78
CA GLY A 42 -13.59 11.01 -9.05
C GLY A 42 -13.75 11.94 -7.84
N SER A 43 -13.80 11.37 -6.63
CA SER A 43 -13.97 12.21 -5.42
C SER A 43 -12.67 12.45 -4.65
N ALA A 44 -11.56 11.90 -5.15
CA ALA A 44 -10.31 12.01 -4.43
C ALA A 44 -9.77 13.43 -4.50
N THR A 45 -9.12 13.87 -3.43
CA THR A 45 -8.42 15.15 -3.43
C THR A 45 -7.03 14.98 -4.02
N ASN A 46 -6.34 16.09 -4.30
CA ASN A 46 -4.95 16.02 -4.72
C ASN A 46 -4.10 15.18 -3.74
N LYS A 47 -4.23 15.41 -2.43
CA LYS A 47 -3.40 14.67 -1.48
C LYS A 47 -3.68 13.16 -1.53
N GLU A 48 -4.93 12.78 -1.80
CA GLU A 48 -5.27 11.36 -1.87
C GLU A 48 -4.72 10.71 -3.15
N TYR A 49 -4.78 11.43 -4.27
CA TYR A 49 -4.18 10.93 -5.51
C TYR A 49 -2.67 10.68 -5.30
N ILE A 50 -2.02 11.63 -4.64
CA ILE A 50 -0.59 11.53 -4.34
C ILE A 50 -0.30 10.35 -3.39
N GLN A 51 -1.06 10.26 -2.30
CA GLN A 51 -0.92 9.17 -1.34
C GLN A 51 -1.08 7.81 -2.01
N ALA A 52 -2.08 7.68 -2.87
CA ALA A 52 -2.32 6.43 -3.58
C ALA A 52 -1.11 6.10 -4.46
N MSE A 53 -0.61 7.10 -5.17
N MSE A 53 -0.59 7.09 -5.18
CA MSE A 53 0.58 6.90 -5.99
CA MSE A 53 0.61 6.86 -6.00
C MSE A 53 1.81 6.47 -5.18
C MSE A 53 1.82 6.45 -5.17
O MSE A 53 2.58 5.60 -5.61
O MSE A 53 2.60 5.58 -5.58
CB MSE A 53 0.90 8.16 -6.75
CB MSE A 53 0.97 8.09 -6.81
CG MSE A 53 2.11 8.03 -7.57
CG MSE A 53 0.03 8.36 -7.94
SE MSE A 53 2.39 9.68 -8.51
SE MSE A 53 0.66 9.85 -9.00
CE MSE A 53 0.86 9.74 -9.68
CE MSE A 53 1.55 10.83 -7.55
N ILE A 54 2.01 7.11 -4.03
CA ILE A 54 3.15 6.77 -3.16
C ILE A 54 3.03 5.32 -2.68
N LEU A 55 1.83 4.91 -2.27
CA LEU A 55 1.62 3.51 -1.88
C LEU A 55 1.91 2.53 -3.01
N VAL A 56 1.45 2.84 -4.21
CA VAL A 56 1.73 1.99 -5.36
C VAL A 56 3.22 1.80 -5.60
N ASN A 57 3.98 2.88 -5.49
N ASN A 57 3.95 2.92 -5.57
CA ASN A 57 5.39 2.81 -5.79
CA ASN A 57 5.39 2.90 -5.81
C ASN A 57 6.16 2.11 -4.66
C ASN A 57 6.12 2.11 -4.73
N GLU A 58 5.78 2.37 -3.42
N GLU A 58 5.74 2.37 -3.49
CA GLU A 58 6.39 1.71 -2.28
CA GLU A 58 6.36 1.74 -2.32
C GLU A 58 6.09 0.21 -2.29
C GLU A 58 6.08 0.24 -2.29
N ALA A 59 4.94 -0.17 -2.83
CA ALA A 59 4.61 -1.58 -2.89
C ALA A 59 5.22 -2.26 -4.12
N THR A 60 5.20 -1.61 -5.30
CA THR A 60 5.50 -2.34 -6.54
C THR A 60 6.88 -2.04 -7.12
N ILE A 61 7.46 -0.91 -6.79
CA ILE A 61 8.81 -0.60 -7.29
C ILE A 61 9.87 -1.03 -6.27
N ILE A 62 9.66 -0.64 -5.01
CA ILE A 62 10.56 -1.10 -3.95
C ILE A 62 10.60 -2.63 -3.90
N ASN A 63 11.80 -3.18 -3.78
N ASN A 63 11.80 -3.20 -3.78
CA ASN A 63 12.02 -4.63 -3.68
CA ASN A 63 12.00 -4.63 -3.67
C ASN A 63 11.50 -5.43 -4.87
C ASN A 63 11.47 -5.42 -4.87
N SER A 64 11.30 -4.76 -6.01
CA SER A 64 10.87 -5.46 -7.22
C SER A 64 12.07 -6.06 -7.96
N LYS B 4 -2.19 17.01 -20.92
CA LYS B 4 -3.18 17.29 -19.90
C LYS B 4 -2.52 17.90 -18.66
N ASN B 5 -3.34 18.21 -17.65
CA ASN B 5 -2.88 18.82 -16.39
C ASN B 5 -1.62 18.15 -15.85
N GLY B 6 -0.71 18.95 -15.30
CA GLY B 6 0.46 18.37 -14.68
C GLY B 6 0.22 18.10 -13.20
N ASP B 7 -0.54 17.05 -12.88
CA ASP B 7 -0.72 16.70 -11.48
C ASP B 7 -1.01 15.21 -11.30
N ALA B 8 -1.16 14.77 -10.05
CA ALA B 8 -1.35 13.35 -9.76
C ALA B 8 -2.69 12.85 -10.31
N LYS B 9 -3.72 13.70 -10.27
CA LYS B 9 -5.03 13.32 -10.80
C LYS B 9 -4.90 12.90 -12.26
N THR B 10 -4.07 13.62 -13.02
CA THR B 10 -3.92 13.33 -14.44
C THR B 10 -3.40 11.93 -14.68
N PHE B 11 -2.41 11.51 -13.88
CA PHE B 11 -1.89 10.14 -13.98
C PHE B 11 -3.00 9.11 -13.72
N TRP B 12 -3.78 9.33 -12.67
CA TRP B 12 -4.85 8.39 -12.33
C TRP B 12 -5.96 8.34 -13.37
N MSE B 13 -6.28 9.47 -13.98
N MSE B 13 -6.27 9.49 -13.96
CA MSE B 13 -7.24 9.45 -15.07
CA MSE B 13 -7.24 9.56 -15.05
C MSE B 13 -6.67 8.76 -16.32
C MSE B 13 -6.81 8.71 -16.24
O MSE B 13 -7.42 8.10 -17.06
O MSE B 13 -7.62 7.98 -16.81
CB MSE B 13 -7.70 10.88 -15.41
CB MSE B 13 -7.45 11.00 -15.50
CG MSE B 13 -8.55 11.56 -14.31
CG MSE B 13 -8.15 11.88 -14.47
SE MSE B 13 -9.97 10.47 -13.46
SE MSE B 13 -8.82 13.55 -15.20
CE MSE B 13 -11.09 11.87 -12.72
CE MSE B 13 -7.16 14.34 -15.85
N GLU B 14 -5.36 8.89 -16.56
N GLU B 14 -5.55 8.81 -16.62
CA GLU B 14 -4.72 8.17 -17.68
CA GLU B 14 -5.06 8.06 -17.78
C GLU B 14 -4.77 6.65 -17.43
C GLU B 14 -4.85 6.59 -17.44
N LEU B 15 -4.54 6.28 -16.18
CA LEU B 15 -4.44 4.90 -15.76
C LEU B 15 -5.79 4.24 -15.90
N GLU B 16 -6.83 4.95 -15.47
CA GLU B 16 -8.19 4.50 -15.73
C GLU B 16 -8.50 4.34 -17.23
N ASP B 17 -8.03 5.28 -18.05
CA ASP B 17 -8.29 5.16 -19.50
C ASP B 17 -7.54 3.95 -20.06
N ASP B 18 -6.42 3.63 -19.43
CA ASP B 18 -5.57 2.49 -19.77
C ASP B 18 -6.20 1.18 -19.27
N GLY B 19 -7.26 1.30 -18.46
CA GLY B 19 -7.92 0.15 -17.86
C GLY B 19 -7.08 -0.57 -16.80
N LYS B 20 -6.26 0.18 -16.07
CA LYS B 20 -5.34 -0.43 -15.12
C LYS B 20 -5.57 -0.11 -13.65
N VAL B 21 -6.64 0.61 -13.30
CA VAL B 21 -6.77 0.99 -11.88
C VAL B 21 -7.00 -0.21 -10.95
N ASP B 22 -8.00 -1.05 -11.26
CA ASP B 22 -8.21 -2.25 -10.45
C ASP B 22 -6.96 -3.12 -10.44
N PHE B 23 -6.34 -3.28 -11.62
CA PHE B 23 -5.11 -4.08 -11.72
C PHE B 23 -3.99 -3.60 -10.78
N ILE B 24 -3.72 -2.31 -10.76
N ILE B 24 -3.73 -2.30 -10.79
CA ILE B 24 -2.62 -1.79 -9.94
CA ILE B 24 -2.67 -1.73 -9.97
C ILE B 24 -2.95 -1.94 -8.44
C ILE B 24 -2.96 -1.94 -8.47
N PHE B 25 -4.19 -1.70 -8.05
CA PHE B 25 -4.57 -1.91 -6.65
C PHE B 25 -4.48 -3.40 -6.26
N GLU B 26 -4.82 -4.30 -7.17
N GLU B 26 -4.80 -4.30 -7.19
CA GLU B 26 -4.66 -5.73 -6.91
CA GLU B 26 -4.61 -5.73 -6.96
C GLU B 26 -3.20 -6.10 -6.66
C GLU B 26 -3.15 -6.06 -6.68
N GLN B 27 -2.28 -5.49 -7.43
N GLN B 27 -2.23 -5.51 -7.48
CA GLN B 27 -0.85 -5.73 -7.24
CA GLN B 27 -0.81 -5.70 -7.26
C GLN B 27 -0.38 -5.25 -5.87
C GLN B 27 -0.39 -5.25 -5.87
N VAL B 28 -0.89 -4.09 -5.46
CA VAL B 28 -0.53 -3.54 -4.16
C VAL B 28 -1.06 -4.48 -3.07
N GLN B 29 -2.28 -4.96 -3.26
N GLN B 29 -2.29 -4.96 -3.23
CA GLN B 29 -2.91 -5.84 -2.29
CA GLN B 29 -2.87 -5.85 -2.25
C GLN B 29 -2.16 -7.18 -2.20
C GLN B 29 -2.08 -7.15 -2.17
N ASN B 30 -1.65 -7.67 -3.32
CA ASN B 30 -0.88 -8.91 -3.33
C ASN B 30 0.47 -8.74 -2.59
N VAL B 31 1.11 -7.59 -2.79
CA VAL B 31 2.36 -7.28 -2.11
C VAL B 31 2.10 -7.18 -0.59
N LEU B 32 1.03 -6.51 -0.18
CA LEU B 32 0.73 -6.40 1.26
C LEU B 32 0.46 -7.75 1.91
N GLN B 33 -0.31 -8.59 1.22
N GLN B 33 -0.31 -8.59 1.21
CA GLN B 33 -0.60 -9.92 1.71
CA GLN B 33 -0.67 -9.91 1.71
C GLN B 33 0.70 -10.71 1.90
C GLN B 33 0.55 -10.83 1.78
N SER B 34 1.57 -10.65 0.89
N SER B 34 1.54 -10.58 0.92
CA SER B 34 2.85 -11.34 0.91
CA SER B 34 2.78 -11.34 0.95
C SER B 34 3.71 -10.86 2.08
C SER B 34 3.69 -10.86 2.08
N LEU B 35 3.75 -9.55 2.28
CA LEU B 35 4.55 -8.97 3.38
C LEU B 35 3.99 -9.38 4.73
N LYS B 36 2.67 -9.34 4.85
CA LYS B 36 2.03 -9.75 6.09
C LYS B 36 2.36 -11.21 6.42
N GLN B 37 2.28 -12.08 5.41
N GLN B 37 2.29 -12.08 5.42
CA GLN B 37 2.51 -13.50 5.61
CA GLN B 37 2.52 -13.50 5.66
C GLN B 37 3.95 -13.77 6.03
C GLN B 37 3.96 -13.76 6.07
N LYS B 38 4.89 -13.09 5.39
CA LYS B 38 6.32 -13.24 5.68
C LYS B 38 6.65 -12.74 7.08
N ILE B 39 6.05 -11.61 7.47
CA ILE B 39 6.24 -11.09 8.83
C ILE B 39 5.69 -12.03 9.90
N LYS B 40 4.45 -12.51 9.73
CA LYS B 40 3.89 -13.45 10.73
C LYS B 40 4.66 -14.78 10.76
N ASP B 41 5.17 -15.21 9.61
CA ASP B 41 5.91 -16.47 9.46
C ASP B 41 7.34 -16.41 9.99
N GLY B 42 7.88 -15.21 10.09
CA GLY B 42 9.27 -15.04 10.47
C GLY B 42 10.25 -15.20 9.31
N SER B 43 9.76 -15.20 8.08
CA SER B 43 10.65 -15.39 6.93
C SER B 43 10.94 -14.10 6.18
N ALA B 44 10.44 -12.96 6.68
CA ALA B 44 10.67 -11.68 5.99
C ALA B 44 12.15 -11.32 6.01
N THR B 45 12.64 -10.74 4.91
CA THR B 45 14.01 -10.23 4.90
C THR B 45 14.00 -8.85 5.53
N ASN B 46 15.18 -8.36 5.86
CA ASN B 46 15.31 -7.00 6.28
C ASN B 46 14.67 -5.96 5.33
N LYS B 47 14.90 -6.11 4.03
CA LYS B 47 14.32 -5.15 3.09
C LYS B 47 12.80 -5.26 3.08
N GLU B 48 12.27 -6.46 3.33
CA GLU B 48 10.80 -6.57 3.39
C GLU B 48 10.20 -5.95 4.66
N TYR B 49 10.88 -6.09 5.80
CA TYR B 49 10.45 -5.41 7.04
C TYR B 49 10.41 -3.90 6.85
N ILE B 50 11.47 -3.36 6.26
CA ILE B 50 11.52 -1.94 5.94
C ILE B 50 10.39 -1.54 5.00
N GLN B 51 10.26 -2.24 3.89
CA GLN B 51 9.17 -1.94 2.96
C GLN B 51 7.78 -1.94 3.63
N ALA B 52 7.50 -2.95 4.44
CA ALA B 52 6.20 -3.01 5.12
C ALA B 52 5.99 -1.86 6.13
N MSE B 53 7.02 -1.52 6.88
CA MSE B 53 6.94 -0.39 7.80
C MSE B 53 6.62 0.89 7.06
O MSE B 53 5.76 1.67 7.48
CB MSE B 53 8.28 -0.22 8.55
CG MSE B 53 8.20 0.86 9.60
SE MSE B 53 9.88 1.05 10.50
CE MSE B 53 10.98 1.51 8.98
N ILE B 54 7.31 1.12 5.95
CA ILE B 54 7.11 2.34 5.19
C ILE B 54 5.69 2.38 4.62
N LEU B 55 5.20 1.26 4.11
CA LEU B 55 3.82 1.22 3.58
C LEU B 55 2.75 1.52 4.64
N VAL B 56 2.92 0.91 5.81
N VAL B 56 2.91 0.96 5.83
CA VAL B 56 2.01 1.12 6.94
CA VAL B 56 1.89 1.15 6.84
C VAL B 56 1.95 2.58 7.33
C VAL B 56 1.95 2.54 7.47
N ASN B 57 3.12 3.17 7.45
CA ASN B 57 3.21 4.55 7.87
C ASN B 57 2.68 5.51 6.82
N GLU B 58 2.73 5.14 5.54
CA GLU B 58 2.19 5.98 4.48
C GLU B 58 0.66 5.90 4.42
N ALA B 59 0.11 4.76 4.79
CA ALA B 59 -1.35 4.55 4.77
C ALA B 59 -2.07 5.08 6.02
N THR B 60 -1.41 4.97 7.17
CA THR B 60 -2.07 5.15 8.48
C THR B 60 -1.14 5.80 9.50
N ILE B 61 -1.72 6.57 10.42
CA ILE B 61 -0.95 7.12 11.55
C ILE B 61 -0.31 5.99 12.39
N ILE B 62 1.02 6.01 12.47
CA ILE B 62 1.81 4.92 13.07
C ILE B 62 1.47 3.57 12.42
C1 GOL C . 0.22 19.09 -6.64
O1 GOL C . 0.68 18.85 -5.32
C2 GOL C . 1.20 18.42 -7.59
O2 GOL C . 2.52 18.70 -7.11
C3 GOL C . 0.93 16.92 -7.49
O3 GOL C . -0.37 16.65 -7.98
C1 GOL D . -1.16 -11.11 14.12
O1 GOL D . -2.19 -10.25 14.58
C2 GOL D . -0.22 -11.38 15.28
O2 GOL D . 0.62 -10.29 15.54
C3 GOL D . 0.62 -12.63 15.06
O3 GOL D . 1.07 -13.08 16.32
C1 GOL E . -2.58 12.40 3.82
O1 GOL E . -1.92 12.50 2.57
C2 GOL E . -4.10 12.42 3.64
O2 GOL E . -4.44 11.99 2.35
C3 GOL E . -4.74 11.50 4.69
O3 GOL E . -6.15 11.66 4.72
C1 GOL F . -19.60 4.12 -10.44
O1 GOL F . -20.83 4.65 -10.00
C2 GOL F . -18.45 4.77 -9.70
O2 GOL F . -18.18 6.03 -10.28
C3 GOL F . -17.21 3.89 -9.78
O3 GOL F . -16.75 3.80 -11.12
C1 GOL G . -9.09 7.98 2.01
O1 GOL G . -10.29 7.69 2.69
C2 GOL G . -8.14 8.71 2.96
O2 GOL G . -8.19 10.11 2.77
C3 GOL G . -6.74 8.18 2.73
O3 GOL G . -5.88 8.52 3.80
C1 GOL H . 0.60 -12.71 19.40
O1 GOL H . 1.94 -13.10 19.64
C2 GOL H . -0.30 -13.93 19.38
O2 GOL H . -1.63 -13.53 19.11
C3 GOL H . -0.29 -14.60 20.74
O3 GOL H . 0.81 -14.10 21.46
O1 TLA I . -9.60 -0.64 -13.73
O11 TLA I . -8.82 1.11 -14.86
C1 TLA I . -9.76 0.43 -14.36
C2 TLA I . -11.16 0.91 -14.53
O2 TLA I . -11.19 1.74 -15.71
C3 TLA I . -11.55 1.75 -13.32
O3 TLA I . -10.68 2.89 -13.16
C4 TLA I . -12.95 2.24 -13.53
O4 TLA I . -13.78 1.38 -13.87
O41 TLA I . -13.22 3.46 -13.37
C1 GOL J . 6.60 -8.68 -1.13
O1 GOL J . 6.89 -10.00 -0.73
C2 GOL J . 7.71 -8.13 -2.03
O2 GOL J . 8.34 -7.02 -1.41
C3 GOL J . 8.75 -9.21 -2.35
O3 GOL J . 9.91 -9.03 -1.57
C1 GOL K . 5.35 -16.17 2.93
O1 GOL K . 4.31 -16.58 2.06
C2 GOL K . 6.50 -17.18 2.89
O2 GOL K . 6.82 -17.55 4.21
C3 GOL K . 7.72 -16.54 2.23
O3 GOL K . 8.84 -17.37 2.32
C1 GOL L . 0.78 9.69 6.69
O1 GOL L . 1.01 9.93 5.32
C2 GOL L . -0.59 9.03 6.85
O2 GOL L . -0.75 8.52 8.16
C3 GOL L . -1.69 10.05 6.58
O3 GOL L . -2.94 9.38 6.53
#